data_9QY1
#
_entry.id   9QY1
#
_cell.length_a   45.650
_cell.length_b   66.560
_cell.length_c   37.230
_cell.angle_alpha   90.000
_cell.angle_beta   90.000
_cell.angle_gamma   90.000
#
_symmetry.space_group_name_H-M   'P 21 21 2'
#
loop_
_entity.id
_entity.type
_entity.pdbx_description
1 polymer 'Mannose receptor C type 2'
2 non-polymer 'CALCIUM ION'
3 non-polymer 'methyl alpha-L-fucopyranoside'
4 water water
#
_entity_poly.entity_id   1
_entity_poly.type   'polypeptide(L)'
_entity_poly.pdbx_seq_one_letter_code
;AVECEPSWQPFQGHCYRLQAEKRSWQESKKMCLRGGGDLLSIHSMAELEFITKQIKQEVEELWIGLNDLKLQMNFEWSDG
SLVSFTHWHPFEPNNFRDSLEDCVTIWGPEGRWNDSPCNQSLPSICKK
;
_entity_poly.pdbx_strand_id   A
#
loop_
_chem_comp.id
_chem_comp.type
_chem_comp.name
_chem_comp.formula
CA non-polymer 'CALCIUM ION' 'Ca 2'
MFU L-saccharide 'methyl alpha-L-fucopyranoside' 'C7 H14 O5'
#
# COMPACT_ATOMS: atom_id res chain seq x y z
N ALA A 1 11.58 -25.94 -1.09
CA ALA A 1 10.66 -25.37 -0.12
C ALA A 1 9.57 -24.54 -0.81
N VAL A 2 8.84 -23.74 -0.04
CA VAL A 2 7.74 -22.96 -0.60
C VAL A 2 8.29 -21.68 -1.22
N GLU A 3 7.65 -21.24 -2.30
CA GLU A 3 8.08 -20.08 -3.06
C GLU A 3 6.86 -19.23 -3.38
N CYS A 4 7.11 -18.00 -3.79
CA CYS A 4 6.05 -17.15 -4.33
C CYS A 4 5.59 -17.72 -5.67
N GLU A 5 4.34 -17.40 -6.02
CA GLU A 5 3.87 -17.73 -7.36
C GLU A 5 4.68 -16.93 -8.37
N PRO A 6 4.69 -17.35 -9.64
CA PRO A 6 5.35 -16.54 -10.66
C PRO A 6 4.81 -15.12 -10.66
N SER A 7 5.70 -14.17 -10.93
CA SER A 7 5.47 -12.72 -10.95
C SER A 7 5.23 -12.10 -9.58
N TRP A 8 5.32 -12.88 -8.49
CA TRP A 8 5.39 -12.34 -7.13
C TRP A 8 6.84 -12.37 -6.65
N GLN A 9 7.29 -11.26 -6.08
CA GLN A 9 8.69 -11.12 -5.69
C GLN A 9 8.83 -11.39 -4.20
N PRO A 10 9.78 -12.23 -3.79
CA PRO A 10 9.95 -12.52 -2.36
C PRO A 10 10.77 -11.48 -1.63
N PHE A 11 10.39 -11.22 -0.37
CA PHE A 11 11.19 -10.35 0.49
C PHE A 11 10.84 -10.62 1.94
N GLN A 12 11.85 -10.94 2.74
CA GLN A 12 11.71 -11.12 4.19
C GLN A 12 10.40 -11.83 4.56
N GLY A 13 10.24 -13.01 3.98
CA GLY A 13 9.20 -13.91 4.36
C GLY A 13 7.90 -13.79 3.60
N HIS A 14 7.74 -12.74 2.78
CA HIS A 14 6.46 -12.47 2.13
C HIS A 14 6.67 -12.28 0.64
N CYS A 15 5.55 -12.31 -0.08
CA CYS A 15 5.52 -12.17 -1.54
C CYS A 15 4.82 -10.88 -1.90
N TYR A 16 5.29 -10.22 -2.97
CA TYR A 16 4.83 -8.88 -3.32
C TYR A 16 4.56 -8.77 -4.82
N ARG A 17 3.49 -8.07 -5.19
CA ARG A 17 3.19 -7.90 -6.61
C ARG A 17 2.62 -6.51 -6.88
N LEU A 18 3.20 -5.83 -7.87
CA LEU A 18 2.60 -4.58 -8.34
C LEU A 18 1.39 -4.91 -9.23
N GLN A 19 0.25 -4.34 -8.91
CA GLN A 19 -0.93 -4.42 -9.76
C GLN A 19 -1.01 -3.14 -10.58
N ALA A 20 -0.78 -3.25 -11.89
CA ALA A 20 -0.62 -2.06 -12.71
C ALA A 20 -1.94 -1.38 -13.02
N GLU A 21 -3.04 -2.12 -13.00
CA GLU A 21 -4.33 -1.59 -13.41
C GLU A 21 -4.79 -0.53 -12.42
N LYS A 22 -5.30 0.60 -12.92
CA LYS A 22 -5.75 1.67 -12.03
C LYS A 22 -7.15 1.37 -11.52
N ARG A 23 -7.29 1.27 -10.20
CA ARG A 23 -8.57 0.99 -9.55
C ARG A 23 -8.70 1.83 -8.29
N SER A 24 -9.93 1.93 -7.79
CA SER A 24 -10.18 2.50 -6.46
C SER A 24 -9.46 1.68 -5.38
N TRP A 25 -9.40 2.24 -4.17
CA TRP A 25 -8.75 1.53 -3.08
C TRP A 25 -9.47 0.22 -2.77
N GLN A 26 -10.80 0.28 -2.63
CA GLN A 26 -11.56 -0.94 -2.32
C GLN A 26 -11.44 -1.97 -3.44
N GLU A 27 -11.53 -1.53 -4.69
CA GLU A 27 -11.36 -2.46 -5.81
C GLU A 27 -9.96 -3.07 -5.82
N SER A 28 -8.94 -2.28 -5.52
CA SER A 28 -7.60 -2.82 -5.46
C SER A 28 -7.49 -3.88 -4.36
N LYS A 29 -8.09 -3.61 -3.21
CA LYS A 29 -8.07 -4.58 -2.11
C LYS A 29 -8.76 -5.88 -2.52
N LYS A 30 -9.91 -5.77 -3.18
CA LYS A 30 -10.63 -6.98 -3.59
C LYS A 30 -9.80 -7.81 -4.55
N MET A 31 -9.08 -7.16 -5.45
CA MET A 31 -8.19 -7.89 -6.35
C MET A 31 -7.08 -8.61 -5.60
N CYS A 32 -6.49 -7.96 -4.59
CA CYS A 32 -5.48 -8.64 -3.77
C CYS A 32 -6.08 -9.83 -3.06
N LEU A 33 -7.27 -9.68 -2.49
CA LEU A 33 -7.94 -10.78 -1.81
C LEU A 33 -8.20 -11.93 -2.76
N ARG A 34 -8.60 -11.63 -4.00
CA ARG A 34 -8.82 -12.69 -4.99
C ARG A 34 -7.54 -13.48 -5.26
N GLY A 35 -6.39 -12.84 -5.12
CA GLY A 35 -5.12 -13.50 -5.32
C GLY A 35 -4.54 -14.11 -4.06
N GLY A 36 -5.32 -14.19 -2.99
CA GLY A 36 -4.87 -14.77 -1.75
C GLY A 36 -4.08 -13.85 -0.85
N GLY A 37 -4.01 -12.56 -1.14
CA GLY A 37 -3.24 -11.63 -0.34
C GLY A 37 -4.11 -10.51 0.17
N ASP A 38 -3.46 -9.37 0.42
CA ASP A 38 -4.13 -8.15 0.83
C ASP A 38 -3.31 -6.99 0.30
N LEU A 39 -3.84 -5.78 0.43
CA LEU A 39 -3.04 -4.60 0.12
C LEU A 39 -1.79 -4.55 1.00
N LEU A 40 -0.75 -3.93 0.44
CA LEU A 40 0.56 -3.89 1.07
C LEU A 40 0.52 -3.24 2.45
N SER A 41 1.15 -3.88 3.44
CA SER A 41 1.50 -3.21 4.68
C SER A 41 3.01 -3.12 4.78
N ILE A 42 3.49 -2.08 5.48
CA ILE A 42 4.90 -1.71 5.51
C ILE A 42 5.29 -1.52 6.97
N HIS A 43 6.22 -2.33 7.47
CA HIS A 43 6.48 -2.34 8.90
C HIS A 43 7.89 -1.93 9.26
N SER A 44 8.70 -1.50 8.29
CA SER A 44 10.09 -1.15 8.56
C SER A 44 10.61 -0.34 7.39
N MET A 45 11.64 0.48 7.66
CA MET A 45 12.31 1.19 6.58
C MET A 45 12.87 0.23 5.54
N ALA A 46 13.37 -0.93 5.98
CA ALA A 46 13.90 -1.91 5.03
C ALA A 46 12.82 -2.38 4.06
N GLU A 47 11.61 -2.63 4.57
CA GLU A 47 10.52 -3.03 3.69
C GLU A 47 10.09 -1.87 2.79
N LEU A 48 10.11 -0.65 3.32
CA LEU A 48 9.78 0.50 2.48
C LEU A 48 10.77 0.62 1.33
N GLU A 49 12.06 0.46 1.60
CA GLU A 49 13.06 0.61 0.55
C GLU A 49 12.97 -0.51 -0.47
N PHE A 50 12.64 -1.72 -0.05
CA PHE A 50 12.39 -2.78 -1.03
C PHE A 50 11.25 -2.40 -1.95
N ILE A 51 10.17 -1.88 -1.35
CA ILE A 51 8.96 -1.52 -2.11
C ILE A 51 9.30 -0.45 -3.15
N THR A 52 9.90 0.65 -2.71
CA THR A 52 10.18 1.74 -3.64
C THR A 52 11.19 1.32 -4.69
N LYS A 53 12.21 0.54 -4.30
CA LYS A 53 13.29 0.23 -5.22
C LYS A 53 12.94 -0.87 -6.21
N GLN A 54 12.16 -1.87 -5.82
CA GLN A 54 11.95 -3.04 -6.65
C GLN A 54 10.53 -3.24 -7.12
N ILE A 55 9.53 -2.70 -6.42
CA ILE A 55 8.15 -3.00 -6.76
C ILE A 55 7.50 -1.77 -7.39
N LYS A 56 7.56 -0.65 -6.69
CA LYS A 56 6.97 0.59 -7.21
C LYS A 56 7.77 1.11 -8.40
N GLN A 57 9.09 1.26 -8.22
CA GLN A 57 10.00 1.70 -9.27
C GLN A 57 9.48 3.02 -9.84
N GLU A 58 9.31 3.13 -11.17
CA GLU A 58 8.98 4.42 -11.76
C GLU A 58 7.54 4.83 -11.55
N VAL A 59 6.67 3.94 -11.04
CA VAL A 59 5.28 4.31 -10.85
C VAL A 59 5.21 5.41 -9.81
N GLU A 60 4.43 6.46 -10.08
CA GLU A 60 4.51 7.64 -9.25
C GLU A 60 3.66 7.53 -7.99
N GLU A 61 2.49 6.91 -8.09
CA GLU A 61 1.52 6.93 -6.99
C GLU A 61 0.71 5.64 -7.03
N LEU A 62 0.58 4.97 -5.88
CA LEU A 62 -0.21 3.74 -5.84
C LEU A 62 -0.80 3.54 -4.46
N TRP A 63 -1.84 2.70 -4.40
CA TRP A 63 -2.51 2.40 -3.13
C TRP A 63 -1.69 1.44 -2.29
N ILE A 64 -1.68 1.67 -0.97
CA ILE A 64 -1.24 0.66 -0.01
C ILE A 64 -2.39 0.43 0.98
N GLY A 65 -2.19 -0.44 1.97
CA GLY A 65 -3.30 -0.89 2.77
C GLY A 65 -3.71 -0.02 3.93
N LEU A 66 -3.01 1.08 4.16
CA LEU A 66 -3.31 1.92 5.32
C LEU A 66 -4.57 2.74 5.05
N ASN A 67 -5.39 2.91 6.07
CA ASN A 67 -6.67 3.58 5.89
C ASN A 67 -7.23 3.96 7.25
N ASP A 68 -8.02 5.02 7.29
CA ASP A 68 -8.77 5.36 8.49
C ASP A 68 -10.27 5.34 8.19
N LEU A 69 -10.70 4.35 7.41
CA LEU A 69 -12.12 4.19 7.10
C LEU A 69 -12.95 3.95 8.36
N LYS A 70 -12.44 3.15 9.30
CA LYS A 70 -13.25 2.80 10.45
C LYS A 70 -13.30 3.94 11.47
N LEU A 71 -12.17 4.61 11.69
CA LEU A 71 -12.08 5.61 12.75
C LEU A 71 -11.19 6.75 12.26
N GLN A 72 -11.77 7.93 12.06
CA GLN A 72 -11.01 9.03 11.45
C GLN A 72 -9.79 9.37 12.27
N MET A 73 -8.66 9.57 11.58
CA MET A 73 -7.35 9.93 12.08
C MET A 73 -6.63 8.75 12.75
N ASN A 74 -7.26 7.59 12.89
CA ASN A 74 -6.60 6.39 13.41
C ASN A 74 -6.41 5.42 12.26
N PHE A 75 -5.23 5.45 11.66
CA PHE A 75 -4.96 4.62 10.51
C PHE A 75 -4.57 3.22 10.94
N GLU A 76 -5.03 2.23 10.17
CA GLU A 76 -4.74 0.84 10.40
C GLU A 76 -4.49 0.16 9.06
N TRP A 77 -3.82 -0.99 9.11
CA TRP A 77 -3.59 -1.77 7.90
C TRP A 77 -4.78 -2.66 7.64
N SER A 78 -5.20 -2.72 6.37
CA SER A 78 -6.34 -3.57 6.03
C SER A 78 -6.08 -5.02 6.39
N ASP A 79 -4.82 -5.45 6.39
CA ASP A 79 -4.51 -6.84 6.67
C ASP A 79 -4.49 -7.16 8.16
N GLY A 80 -4.73 -6.18 9.04
CA GLY A 80 -4.83 -6.44 10.46
C GLY A 80 -3.53 -6.42 11.23
N SER A 81 -2.41 -6.16 10.57
CA SER A 81 -1.14 -6.08 11.27
C SER A 81 -1.02 -4.75 12.00
N LEU A 82 -0.06 -4.69 12.92
CA LEU A 82 0.17 -3.49 13.72
C LEU A 82 0.81 -2.38 12.89
N VAL A 83 0.47 -1.14 13.22
CA VAL A 83 1.14 0.02 12.62
C VAL A 83 2.38 0.27 13.48
N SER A 84 3.49 -0.32 13.07
CA SER A 84 4.75 -0.15 13.79
C SER A 84 5.66 0.86 13.13
N PHE A 85 5.31 1.33 11.93
CA PHE A 85 6.16 2.15 11.09
C PHE A 85 5.26 3.04 10.24
N THR A 86 5.60 4.31 10.13
CA THR A 86 4.94 5.20 9.17
C THR A 86 5.97 6.01 8.42
N HIS A 87 5.54 6.56 7.29
CA HIS A 87 6.43 7.33 6.44
C HIS A 87 5.61 8.40 5.72
N TRP A 88 4.95 9.27 6.50
CA TRP A 88 4.05 10.26 5.91
C TRP A 88 4.82 11.38 5.24
N HIS A 89 4.27 11.88 4.13
CA HIS A 89 4.68 13.19 3.66
C HIS A 89 4.45 14.20 4.79
N PRO A 90 5.26 15.24 4.88
CA PRO A 90 4.99 16.29 5.85
C PRO A 90 3.59 16.83 5.67
N PHE A 91 2.89 17.01 6.79
CA PHE A 91 1.55 17.53 6.94
C PHE A 91 0.48 16.54 6.50
N GLU A 92 0.85 15.37 6.11
CA GLU A 92 -0.10 14.28 5.95
C GLU A 92 -0.07 13.39 7.19
N PRO A 93 -1.19 12.76 7.53
CA PRO A 93 -2.49 12.80 6.85
C PRO A 93 -3.25 14.09 7.13
N ASN A 94 -3.94 14.67 6.15
CA ASN A 94 -4.63 15.94 6.36
C ASN A 94 -6.13 15.88 6.11
N ASN A 95 -6.67 14.72 5.74
CA ASN A 95 -8.12 14.51 5.58
C ASN A 95 -8.77 15.65 4.80
N PHE A 96 -8.14 16.03 3.69
CA PHE A 96 -8.51 17.27 3.01
C PHE A 96 -9.89 17.17 2.37
N ARG A 97 -10.08 16.18 1.50
CA ARG A 97 -11.31 16.04 0.74
C ARG A 97 -12.40 15.44 1.61
N ASP A 98 -13.53 16.12 1.71
CA ASP A 98 -14.65 15.63 2.50
C ASP A 98 -15.90 15.55 1.65
N GLU A 101 -10.98 11.73 2.50
CA GLU A 101 -9.66 11.12 2.35
C GLU A 101 -9.41 10.09 3.42
N ASP A 102 -9.67 8.83 3.13
CA ASP A 102 -9.53 7.79 4.12
C ASP A 102 -8.65 6.62 3.70
N CYS A 103 -8.02 6.68 2.53
CA CYS A 103 -7.16 5.62 2.03
C CYS A 103 -5.80 6.21 1.69
N VAL A 104 -4.76 5.39 1.75
CA VAL A 104 -3.39 5.90 1.75
C VAL A 104 -2.65 5.46 0.48
N THR A 105 -1.93 6.41 -0.12
CA THR A 105 -1.07 6.15 -1.26
C THR A 105 0.39 6.38 -0.87
N ILE A 106 1.29 5.77 -1.62
CA ILE A 106 2.70 6.11 -1.65
CA ILE A 106 2.68 6.17 -1.62
C ILE A 106 2.92 6.95 -2.90
N TRP A 107 3.62 8.07 -2.78
CA TRP A 107 3.95 8.79 -3.99
C TRP A 107 5.27 9.53 -3.82
N GLY A 108 5.97 9.71 -4.93
CA GLY A 108 7.24 10.38 -4.93
C GLY A 108 8.37 9.39 -4.80
N PRO A 109 9.60 9.87 -5.03
CA PRO A 109 10.74 8.94 -5.06
C PRO A 109 11.16 8.42 -3.69
N GLU A 110 10.84 9.13 -2.60
CA GLU A 110 11.17 8.64 -1.27
C GLU A 110 10.13 7.69 -0.71
N GLY A 111 9.04 7.44 -1.44
CA GLY A 111 8.06 6.51 -0.95
C GLY A 111 7.23 7.00 0.20
N ARG A 112 7.12 8.31 0.39
CA ARG A 112 6.33 8.84 1.49
C ARG A 112 4.84 8.75 1.18
N TRP A 113 4.02 8.84 2.23
CA TRP A 113 2.60 8.48 2.18
C TRP A 113 1.69 9.70 2.26
N ASN A 114 0.48 9.54 1.72
CA ASN A 114 -0.53 10.59 1.69
C ASN A 114 -1.92 9.95 1.82
N ASP A 115 -2.81 10.60 2.56
CA ASP A 115 -4.20 10.14 2.55
C ASP A 115 -4.93 10.77 1.38
N SER A 116 -5.77 9.99 0.72
CA SER A 116 -6.35 10.33 -0.57
C SER A 116 -7.81 9.88 -0.62
N PRO A 117 -8.61 10.49 -1.49
CA PRO A 117 -9.98 9.99 -1.68
C PRO A 117 -9.95 8.55 -2.18
N CYS A 118 -10.75 7.70 -1.53
CA CYS A 118 -10.67 6.27 -1.80
C CYS A 118 -11.15 5.89 -3.20
N ASN A 119 -11.91 6.75 -3.86
CA ASN A 119 -12.45 6.44 -5.18
C ASN A 119 -11.50 6.79 -6.32
N GLN A 120 -10.29 7.26 -6.02
CA GLN A 120 -9.33 7.56 -7.07
C GLN A 120 -8.83 6.27 -7.71
N SER A 121 -8.65 6.27 -9.04
CA SER A 121 -8.11 5.10 -9.71
C SER A 121 -6.59 5.16 -9.74
N LEU A 122 -5.94 4.19 -9.12
CA LEU A 122 -4.48 4.15 -9.03
C LEU A 122 -4.04 2.70 -9.09
N PRO A 123 -2.79 2.45 -9.47
CA PRO A 123 -2.21 1.12 -9.28
C PRO A 123 -2.11 0.79 -7.80
N SER A 124 -1.76 -0.45 -7.49
CA SER A 124 -1.65 -0.85 -6.09
C SER A 124 -0.55 -1.88 -5.94
N ILE A 125 -0.32 -2.30 -4.70
CA ILE A 125 0.62 -3.38 -4.38
C ILE A 125 -0.06 -4.35 -3.44
N CYS A 126 -0.03 -5.64 -3.79
CA CYS A 126 -0.47 -6.71 -2.90
C CYS A 126 0.72 -7.36 -2.21
N LYS A 127 0.43 -7.92 -1.04
CA LYS A 127 1.39 -8.63 -0.22
C LYS A 127 0.78 -9.97 0.20
N LYS A 128 1.62 -11.00 0.22
CA LYS A 128 1.16 -12.34 0.52
C LYS A 128 2.15 -13.06 1.44
CA CA B . -9.57 10.21 6.87
CA CA C . -3.99 14.09 1.94
C1 MFU D . -2.66 17.61 -0.51
C1 MFU D . -5.16 18.13 -0.94
C2 MFU D . -2.94 16.14 -0.27
C2 MFU D . -5.31 16.64 -0.62
C3 MFU D . -4.27 15.79 -0.83
C3 MFU D . -4.11 15.84 -0.98
C4 MFU D . -4.35 16.08 -2.29
C4 MFU D . -2.87 16.42 -0.36
C5 MFU D . -4.02 17.54 -2.60
C5 MFU D . -2.71 17.89 -0.76
C6 MFU D . -3.91 17.72 -4.09
C6 MFU D . -1.50 18.47 -0.07
O1 MFU D . -3.59 18.29 0.21
O1 MFU D . -5.23 18.33 -2.30
O2 MFU D . -2.96 15.92 1.15
O2 MFU D . -6.46 16.10 -1.32
O3 MFU D . -4.54 14.39 -0.57
O3 MFU D . -4.31 14.49 -0.49
O4 MFU D . -3.42 15.25 -2.99
O4 MFU D . -2.96 16.32 1.06
O5 MFU D . -2.76 17.98 -1.96
O5 MFU D . -3.89 18.70 -0.40
CM MFU D . -3.49 19.69 0.13
CM MFU D . -5.77 19.58 -2.64
#